data_1L4F
#
_entry.id   1L4F
#
_cell.length_a   72.020
_cell.length_b   90.080
_cell.length_c   47.540
_cell.angle_alpha   90.00
_cell.angle_beta   90.00
_cell.angle_gamma   90.00
#
_symmetry.space_group_name_H-M   'P 21 21 2'
#
loop_
_entity.id
_entity.type
_entity.pdbx_description
1 polymer 'Nicotinate-nucleotide--dimethylbenzimidazole phosphoribosyltransferase'
2 non-polymer 4,5-DIMETHYL-1,2-PHENYLENEDIAMINE
3 non-polymer 'NICOTINATE MONONUCLEOTIDE'
4 water water
#
_entity_poly.entity_id   1
_entity_poly.type   'polypeptide(L)'
_entity_poly.pdbx_seq_one_letter_code
;MQTLHALLRDIPAPDAEAMARTQQHIDGLLKPPGSLGRLETLAVQLAGMPGLNGTPQVGEKAVLVMCADHGVWDEGVAVS
PKIVTAIQAANMTRGTTGVCVLAAQAGAKVHVIDVGIDAEPIPGVVNMRVARGCGNIAVGPAMSRLQAEALLLEVSRYTC
DLAQRGVTLFGVGELGMANTTPAAAMVSVFTGSDAKEVVGIGANLPPSRIDNKVDVVRRAIAINQPNPRDGIDVLSKVGG
FDLVGMTGVMLGAARCGLPVLLDGFLSYSAALAACQIAPAVRPYLIPSHFSAEKGARIALAHLSMEPYLHMAMRLGEGSG
AALAMPIVEAACAMFHNMGELAASNIVLPEGNANAT
;
_entity_poly.pdbx_strand_id   A
#
# COMPACT_ATOMS: atom_id res chain seq x y z
N LEU A 4 11.04 -12.69 -12.64
CA LEU A 4 9.89 -12.47 -11.70
C LEU A 4 9.76 -13.65 -10.73
N HIS A 5 10.04 -14.85 -11.22
CA HIS A 5 9.98 -16.03 -10.38
C HIS A 5 11.20 -15.95 -9.46
N ALA A 6 12.28 -15.40 -10.01
CA ALA A 6 13.53 -15.24 -9.27
C ALA A 6 13.27 -14.26 -8.14
N LEU A 7 12.58 -13.17 -8.49
CA LEU A 7 12.23 -12.13 -7.54
C LEU A 7 11.51 -12.70 -6.34
N LEU A 8 10.34 -13.30 -6.59
CA LEU A 8 9.52 -13.88 -5.54
C LEU A 8 10.26 -14.95 -4.74
N ARG A 9 11.15 -15.66 -5.41
CA ARG A 9 11.92 -16.73 -4.78
C ARG A 9 12.92 -16.19 -3.74
N ASP A 10 13.52 -15.05 -4.05
CA ASP A 10 14.53 -14.47 -3.17
C ASP A 10 14.05 -13.53 -2.06
N ILE A 11 12.76 -13.50 -1.77
CA ILE A 11 12.27 -12.64 -0.70
C ILE A 11 12.75 -13.28 0.60
N PRO A 12 13.55 -12.54 1.38
CA PRO A 12 14.09 -13.05 2.64
C PRO A 12 13.07 -13.25 3.76
N ALA A 13 13.33 -14.21 4.65
CA ALA A 13 12.43 -14.44 5.77
C ALA A 13 12.89 -13.49 6.87
N PRO A 14 12.01 -13.20 7.84
CA PRO A 14 12.37 -12.30 8.95
C PRO A 14 13.48 -12.93 9.78
N ASP A 15 14.32 -12.09 10.37
CA ASP A 15 15.45 -12.55 11.18
C ASP A 15 15.01 -12.77 12.64
N ALA A 16 14.66 -14.01 12.97
CA ALA A 16 14.20 -14.35 14.31
C ALA A 16 15.25 -14.06 15.38
N GLU A 17 16.51 -14.15 15.01
CA GLU A 17 17.60 -13.90 15.95
C GLU A 17 17.61 -12.44 16.36
N ALA A 18 17.48 -11.55 15.38
CA ALA A 18 17.47 -10.12 15.66
C ALA A 18 16.23 -9.76 16.45
N MET A 19 15.10 -10.38 16.10
CA MET A 19 13.86 -10.11 16.80
C MET A 19 13.94 -10.51 18.27
N ALA A 20 14.63 -11.62 18.55
CA ALA A 20 14.78 -12.09 19.92
C ALA A 20 15.59 -11.07 20.75
N ARG A 21 16.70 -10.60 20.20
CA ARG A 21 17.51 -9.61 20.89
C ARG A 21 16.70 -8.34 21.11
N THR A 22 15.89 -7.99 20.13
CA THR A 22 15.07 -6.78 20.25
C THR A 22 14.08 -6.87 21.41
N GLN A 23 13.37 -7.99 21.46
CA GLN A 23 12.38 -8.20 22.51
C GLN A 23 13.02 -8.12 23.90
N GLN A 24 14.17 -8.76 24.05
CA GLN A 24 14.90 -8.77 25.32
C GLN A 24 15.27 -7.35 25.73
N HIS A 25 15.72 -6.56 24.77
CA HIS A 25 16.11 -5.18 25.03
C HIS A 25 14.93 -4.30 25.44
N ILE A 26 13.82 -4.46 24.74
CA ILE A 26 12.61 -3.70 25.00
C ILE A 26 12.08 -4.02 26.40
N ASP A 27 12.11 -5.30 26.75
CA ASP A 27 11.64 -5.72 28.07
C ASP A 27 12.43 -5.10 29.21
N GLY A 28 13.69 -4.75 28.96
CA GLY A 28 14.51 -4.15 30.01
C GLY A 28 14.47 -2.64 30.10
N LEU A 29 13.64 -2.02 29.25
CA LEU A 29 13.52 -0.57 29.22
C LEU A 29 12.82 -0.01 30.44
N LEU A 30 13.09 1.26 30.73
CA LEU A 30 12.52 1.94 31.88
C LEU A 30 11.00 2.07 31.85
N LYS A 31 10.32 0.93 31.97
CA LYS A 31 8.85 0.91 31.93
C LYS A 31 8.35 -0.49 32.27
N PRO A 32 7.05 -0.60 32.61
CA PRO A 32 6.49 -1.92 32.93
C PRO A 32 6.53 -2.73 31.63
N PRO A 33 6.97 -4.00 31.71
CA PRO A 33 7.04 -4.84 30.51
C PRO A 33 5.73 -4.80 29.73
N GLY A 34 5.87 -4.65 28.41
CA GLY A 34 4.71 -4.60 27.52
C GLY A 34 3.79 -3.40 27.64
N SER A 35 4.11 -2.47 28.54
CA SER A 35 3.26 -1.28 28.73
C SER A 35 3.16 -0.35 27.52
N LEU A 36 4.11 -0.46 26.59
CA LEU A 36 4.08 0.40 25.42
C LEU A 36 3.33 -0.26 24.24
N GLY A 37 2.66 -1.36 24.54
CA GLY A 37 1.86 -2.10 23.57
C GLY A 37 2.34 -2.33 22.15
N ARG A 38 1.59 -1.80 21.18
CA ARG A 38 1.93 -1.98 19.79
C ARG A 38 3.20 -1.26 19.34
N LEU A 39 3.71 -0.35 20.16
CA LEU A 39 4.96 0.32 19.80
C LEU A 39 6.07 -0.72 19.93
N GLU A 40 5.98 -1.57 20.95
CA GLU A 40 6.98 -2.60 21.20
C GLU A 40 6.92 -3.65 20.10
N THR A 41 5.70 -4.02 19.73
CA THR A 41 5.46 -5.01 18.69
C THR A 41 6.00 -4.52 17.35
N LEU A 42 5.76 -3.26 17.06
CA LEU A 42 6.24 -2.67 15.82
C LEU A 42 7.78 -2.69 15.80
N ALA A 43 8.38 -2.29 16.91
CA ALA A 43 9.84 -2.26 17.02
C ALA A 43 10.45 -3.63 16.74
N VAL A 44 9.83 -4.67 17.26
CA VAL A 44 10.33 -6.02 17.06
C VAL A 44 10.20 -6.43 15.60
N GLN A 45 9.06 -6.10 14.99
CA GLN A 45 8.81 -6.43 13.59
C GLN A 45 9.90 -5.84 12.70
N LEU A 46 10.19 -4.56 12.89
CA LEU A 46 11.22 -3.89 12.10
C LEU A 46 12.56 -4.61 12.26
N ALA A 47 12.89 -4.96 13.50
CA ALA A 47 14.14 -5.65 13.79
C ALA A 47 14.32 -6.94 12.98
N GLY A 48 13.21 -7.56 12.61
CA GLY A 48 13.28 -8.79 11.85
C GLY A 48 13.55 -8.58 10.37
N MET A 49 13.36 -7.35 9.90
CA MET A 49 13.58 -7.01 8.50
C MET A 49 15.07 -6.86 8.18
N PRO A 50 15.64 -7.82 7.42
CA PRO A 50 17.05 -7.85 7.03
C PRO A 50 17.62 -6.53 6.50
N GLY A 51 16.81 -5.77 5.77
CA GLY A 51 17.28 -4.50 5.25
C GLY A 51 17.61 -3.47 6.33
N LEU A 52 17.06 -3.63 7.52
CA LEU A 52 17.30 -2.70 8.60
C LEU A 52 18.51 -3.05 9.46
N ASN A 53 19.24 -4.09 9.07
CA ASN A 53 20.44 -4.49 9.78
C ASN A 53 20.26 -4.85 11.28
N GLY A 54 19.39 -5.82 11.54
CA GLY A 54 19.14 -6.28 12.90
C GLY A 54 18.68 -5.30 13.95
N THR A 55 18.17 -4.14 13.54
CA THR A 55 17.73 -3.15 14.51
C THR A 55 16.65 -2.21 13.98
N PRO A 56 15.70 -1.79 14.84
CA PRO A 56 14.65 -0.88 14.38
C PRO A 56 15.24 0.49 14.12
N GLN A 57 15.33 0.86 12.84
CA GLN A 57 15.89 2.15 12.46
C GLN A 57 15.16 2.69 11.24
N VAL A 58 15.28 4.00 11.02
CA VAL A 58 14.65 4.67 9.89
C VAL A 58 15.60 5.71 9.33
N GLY A 59 16.00 5.52 8.08
CA GLY A 59 16.88 6.47 7.43
C GLY A 59 16.03 7.38 6.58
N GLU A 60 16.23 7.35 5.27
CA GLU A 60 15.43 8.17 4.36
C GLU A 60 14.06 7.52 4.17
N LYS A 61 13.06 8.37 3.94
CA LYS A 61 11.69 7.90 3.75
C LYS A 61 11.14 8.35 2.39
N ALA A 62 10.37 7.48 1.75
CA ALA A 62 9.78 7.80 0.46
C ALA A 62 8.37 7.27 0.29
N VAL A 63 7.54 8.04 -0.41
CA VAL A 63 6.17 7.65 -0.69
C VAL A 63 6.06 7.57 -2.21
N LEU A 64 5.75 6.38 -2.72
CA LEU A 64 5.60 6.18 -4.16
C LEU A 64 4.11 6.22 -4.53
N VAL A 65 3.76 7.16 -5.40
CA VAL A 65 2.39 7.31 -5.82
C VAL A 65 2.22 6.84 -7.27
N MET A 66 1.42 5.80 -7.45
CA MET A 66 1.16 5.21 -8.77
C MET A 66 -0.09 5.85 -9.36
N CYS A 67 0.07 6.54 -10.48
CA CYS A 67 -1.03 7.22 -11.14
C CYS A 67 -1.46 6.54 -12.43
N ALA A 68 -2.75 6.44 -12.66
CA ALA A 68 -3.26 5.81 -13.88
C ALA A 68 -4.76 5.99 -14.01
N ASP A 69 -5.25 5.90 -15.24
CA ASP A 69 -6.68 6.06 -15.49
C ASP A 69 -7.32 4.70 -15.76
N HIS A 70 -8.63 4.65 -15.59
CA HIS A 70 -9.37 3.41 -15.74
C HIS A 70 -10.50 3.52 -16.74
N GLY A 71 -10.58 2.54 -17.64
CA GLY A 71 -11.63 2.52 -18.64
C GLY A 71 -13.02 2.44 -18.03
N VAL A 72 -13.12 1.76 -16.89
CA VAL A 72 -14.41 1.58 -16.23
C VAL A 72 -15.04 2.92 -15.82
N TRP A 73 -14.26 4.00 -15.91
CA TRP A 73 -14.77 5.33 -15.57
C TRP A 73 -15.99 5.64 -16.44
N ASP A 74 -15.98 5.16 -17.67
CA ASP A 74 -17.08 5.41 -18.59
C ASP A 74 -18.38 4.75 -18.19
N GLU A 75 -18.33 3.88 -17.17
CA GLU A 75 -19.53 3.19 -16.70
C GLU A 75 -20.28 4.05 -15.69
N GLY A 76 -19.85 5.29 -15.51
CA GLY A 76 -20.51 6.18 -14.57
C GLY A 76 -20.33 5.85 -13.10
N VAL A 77 -19.21 5.22 -12.74
CA VAL A 77 -18.94 4.86 -11.35
C VAL A 77 -18.15 5.90 -10.54
N ALA A 78 -17.74 6.99 -11.18
CA ALA A 78 -16.97 8.05 -10.52
C ALA A 78 -17.51 9.44 -10.86
N VAL A 79 -17.68 10.28 -9.84
CA VAL A 79 -18.21 11.61 -10.05
C VAL A 79 -17.15 12.67 -10.41
N SER A 80 -15.87 12.32 -10.22
CA SER A 80 -14.80 13.27 -10.55
C SER A 80 -14.46 13.22 -12.04
N PRO A 81 -14.18 14.37 -12.65
CA PRO A 81 -13.83 14.43 -14.07
C PRO A 81 -12.60 13.56 -14.31
N LYS A 82 -12.54 12.90 -15.46
CA LYS A 82 -11.40 12.03 -15.73
C LYS A 82 -10.07 12.76 -15.71
N ILE A 83 -10.03 13.97 -16.26
CA ILE A 83 -8.77 14.75 -16.29
C ILE A 83 -8.16 15.06 -14.93
N VAL A 84 -8.93 14.89 -13.86
CA VAL A 84 -8.41 15.17 -12.53
C VAL A 84 -7.17 14.33 -12.23
N THR A 85 -7.08 13.14 -12.80
CA THR A 85 -5.91 12.30 -12.56
C THR A 85 -4.65 13.01 -13.05
N ALA A 86 -4.68 13.43 -14.32
CA ALA A 86 -3.53 14.12 -14.91
C ALA A 86 -3.24 15.44 -14.20
N ILE A 87 -4.28 16.20 -13.91
CA ILE A 87 -4.12 17.48 -13.23
C ILE A 87 -3.48 17.30 -11.85
N GLN A 88 -4.02 16.35 -11.08
CA GLN A 88 -3.52 16.07 -9.74
C GLN A 88 -2.11 15.51 -9.76
N ALA A 89 -1.79 14.70 -10.77
CA ALA A 89 -0.45 14.13 -10.87
C ALA A 89 0.51 15.29 -11.01
N ALA A 90 0.11 16.28 -11.80
CA ALA A 90 0.95 17.46 -12.01
C ALA A 90 1.12 18.22 -10.68
N ASN A 91 0.03 18.38 -9.93
CA ASN A 91 0.13 19.08 -8.65
C ASN A 91 1.09 18.38 -7.70
N MET A 92 1.20 17.05 -7.84
CA MET A 92 2.10 16.27 -7.00
C MET A 92 3.53 16.79 -7.16
N THR A 93 3.86 17.26 -8.35
CA THR A 93 5.22 17.76 -8.61
C THR A 93 5.43 19.14 -8.00
N ARG A 94 4.33 19.81 -7.65
CA ARG A 94 4.42 21.14 -7.06
C ARG A 94 4.32 21.12 -5.54
N GLY A 95 4.11 19.93 -4.99
CA GLY A 95 4.01 19.80 -3.54
C GLY A 95 2.83 20.50 -2.90
N THR A 96 1.70 20.59 -3.59
CA THR A 96 0.52 21.23 -3.04
C THR A 96 -0.59 20.25 -2.67
N THR A 97 -0.41 18.97 -3.00
CA THR A 97 -1.42 17.96 -2.71
C THR A 97 -1.37 17.48 -1.26
N GLY A 98 -2.41 16.75 -0.86
CA GLY A 98 -2.48 16.23 0.50
C GLY A 98 -1.30 15.37 0.90
N VAL A 99 -0.90 14.42 0.05
CA VAL A 99 0.23 13.56 0.40
C VAL A 99 1.55 14.35 0.41
N CYS A 100 1.65 15.38 -0.41
CA CYS A 100 2.86 16.21 -0.45
C CYS A 100 3.05 16.97 0.85
N VAL A 101 1.96 17.55 1.33
CA VAL A 101 1.97 18.32 2.58
C VAL A 101 2.23 17.41 3.79
N LEU A 102 1.59 16.25 3.81
CA LEU A 102 1.78 15.33 4.92
C LEU A 102 3.15 14.67 4.86
N ALA A 103 3.65 14.40 3.66
CA ALA A 103 4.96 13.78 3.50
C ALA A 103 6.03 14.76 3.98
N ALA A 104 5.88 16.03 3.62
CA ALA A 104 6.83 17.07 4.04
C ALA A 104 6.91 17.14 5.56
N GLN A 105 5.76 16.97 6.22
CA GLN A 105 5.73 17.01 7.68
C GLN A 105 6.50 15.84 8.26
N ALA A 106 6.49 14.71 7.54
CA ALA A 106 7.17 13.49 7.98
C ALA A 106 8.61 13.43 7.48
N GLY A 107 9.02 14.42 6.71
CA GLY A 107 10.37 14.42 6.19
C GLY A 107 10.60 13.33 5.15
N ALA A 108 9.54 12.93 4.46
CA ALA A 108 9.66 11.91 3.43
C ALA A 108 9.59 12.54 2.04
N LYS A 109 10.14 11.86 1.03
CA LYS A 109 10.12 12.38 -0.34
C LYS A 109 9.04 11.64 -1.12
N VAL A 110 8.27 12.40 -1.89
CA VAL A 110 7.20 11.83 -2.70
C VAL A 110 7.65 11.56 -4.12
N HIS A 111 7.47 10.33 -4.57
CA HIS A 111 7.84 9.94 -5.93
C HIS A 111 6.55 9.73 -6.70
N VAL A 112 6.31 10.57 -7.71
CA VAL A 112 5.10 10.45 -8.53
C VAL A 112 5.44 9.60 -9.74
N ILE A 113 4.72 8.49 -9.90
CA ILE A 113 4.97 7.59 -11.02
C ILE A 113 3.75 7.39 -11.88
N ASP A 114 3.91 7.63 -13.18
CA ASP A 114 2.82 7.48 -14.13
C ASP A 114 2.91 6.08 -14.73
N VAL A 115 1.92 5.25 -14.44
CA VAL A 115 1.89 3.89 -14.97
C VAL A 115 0.76 3.71 -15.99
N GLY A 116 0.01 4.77 -16.26
CA GLY A 116 -1.05 4.66 -17.23
C GLY A 116 -2.07 5.80 -17.27
N ILE A 117 -1.59 7.03 -17.12
CA ILE A 117 -2.48 8.18 -17.16
C ILE A 117 -2.94 8.42 -18.60
N ASP A 118 -4.23 8.69 -18.78
CA ASP A 118 -4.79 8.93 -20.10
C ASP A 118 -4.70 10.41 -20.47
N ALA A 119 -3.50 10.85 -20.80
CA ALA A 119 -3.22 12.23 -21.15
C ALA A 119 -1.78 12.30 -21.63
N GLU A 120 -1.31 13.47 -22.06
CA GLU A 120 0.06 13.58 -22.50
C GLU A 120 0.99 13.45 -21.28
N PRO A 121 2.22 12.99 -21.50
CA PRO A 121 3.21 12.82 -20.43
C PRO A 121 3.35 14.10 -19.62
N ILE A 122 3.56 13.95 -18.32
CA ILE A 122 3.71 15.11 -17.44
C ILE A 122 5.17 15.26 -17.03
N PRO A 123 5.77 16.42 -17.32
CA PRO A 123 7.17 16.62 -16.94
C PRO A 123 7.38 16.53 -15.43
N GLY A 124 8.46 15.89 -15.01
CA GLY A 124 8.73 15.78 -13.59
C GLY A 124 8.13 14.53 -13.00
N VAL A 125 7.32 13.84 -13.79
CA VAL A 125 6.70 12.61 -13.33
C VAL A 125 7.46 11.42 -13.93
N VAL A 126 7.78 10.45 -13.07
CA VAL A 126 8.49 9.26 -13.52
C VAL A 126 7.60 8.56 -14.53
N ASN A 127 8.15 8.30 -15.72
CA ASN A 127 7.38 7.67 -16.78
C ASN A 127 7.55 6.14 -16.86
N MET A 128 6.48 5.41 -16.55
CA MET A 128 6.44 3.96 -16.62
C MET A 128 5.07 3.59 -17.20
N ARG A 129 4.54 4.50 -18.00
CA ARG A 129 3.22 4.32 -18.61
C ARG A 129 3.07 3.04 -19.43
N VAL A 130 2.07 2.23 -19.08
CA VAL A 130 1.82 1.00 -19.82
C VAL A 130 0.96 1.35 -21.01
N ALA A 131 -0.05 2.19 -20.79
CA ALA A 131 -0.96 2.63 -21.84
C ALA A 131 -1.77 3.83 -21.34
N ARG A 132 -2.47 4.49 -22.25
CA ARG A 132 -3.30 5.62 -21.85
C ARG A 132 -4.57 5.08 -21.21
N GLY A 133 -4.46 4.66 -19.96
CA GLY A 133 -5.60 4.10 -19.25
C GLY A 133 -5.68 2.59 -19.48
N CYS A 134 -6.29 1.86 -18.55
CA CYS A 134 -6.43 0.41 -18.71
C CYS A 134 -7.80 0.11 -19.29
N GLY A 135 -7.99 -1.12 -19.75
CA GLY A 135 -9.27 -1.50 -20.33
C GLY A 135 -10.44 -1.42 -19.36
N ASN A 136 -11.64 -1.23 -19.90
CA ASN A 136 -12.86 -1.14 -19.11
C ASN A 136 -13.14 -2.56 -18.60
N ILE A 137 -12.91 -2.77 -17.30
CA ILE A 137 -13.11 -4.10 -16.72
C ILE A 137 -14.56 -4.60 -16.78
N ALA A 138 -15.48 -3.69 -17.07
CA ALA A 138 -16.89 -4.08 -17.14
C ALA A 138 -17.17 -4.98 -18.35
N VAL A 139 -16.38 -4.81 -19.40
CA VAL A 139 -16.58 -5.59 -20.63
C VAL A 139 -15.41 -6.50 -21.00
N GLY A 140 -14.35 -6.47 -20.20
CA GLY A 140 -13.21 -7.31 -20.50
C GLY A 140 -12.09 -7.04 -19.50
N PRO A 141 -10.89 -7.57 -19.76
CA PRO A 141 -9.75 -7.37 -18.86
C PRO A 141 -9.20 -5.96 -18.89
N ALA A 142 -8.55 -5.56 -17.81
CA ALA A 142 -7.95 -4.24 -17.73
C ALA A 142 -6.64 -4.24 -18.53
N MET A 143 -5.99 -5.39 -18.62
CA MET A 143 -4.72 -5.51 -19.31
C MET A 143 -4.37 -6.97 -19.53
N SER A 144 -3.25 -7.25 -20.19
CA SER A 144 -2.85 -8.63 -20.41
C SER A 144 -2.02 -9.10 -19.22
N ARG A 145 -1.84 -10.41 -19.09
CA ARG A 145 -1.06 -10.95 -17.98
C ARG A 145 0.39 -10.49 -18.09
N LEU A 146 0.89 -10.38 -19.32
CA LEU A 146 2.26 -9.96 -19.56
C LEU A 146 2.47 -8.52 -19.12
N GLN A 147 1.51 -7.66 -19.42
CA GLN A 147 1.61 -6.25 -19.07
C GLN A 147 1.62 -6.10 -17.55
N ALA A 148 0.92 -7.00 -16.87
CA ALA A 148 0.88 -6.97 -15.42
C ALA A 148 2.22 -7.39 -14.86
N GLU A 149 2.73 -8.52 -15.34
CA GLU A 149 4.00 -9.06 -14.87
C GLU A 149 5.17 -8.12 -15.15
N ALA A 150 5.14 -7.48 -16.31
CA ALA A 150 6.18 -6.55 -16.71
C ALA A 150 6.21 -5.34 -15.77
N LEU A 151 5.04 -4.77 -15.50
CA LEU A 151 4.96 -3.61 -14.61
C LEU A 151 5.40 -3.99 -13.19
N LEU A 152 5.00 -5.17 -12.73
CA LEU A 152 5.39 -5.64 -11.41
C LEU A 152 6.90 -5.65 -11.29
N LEU A 153 7.53 -6.20 -12.32
CA LEU A 153 8.98 -6.32 -12.38
C LEU A 153 9.63 -4.94 -12.40
N GLU A 154 9.14 -4.06 -13.25
CA GLU A 154 9.66 -2.70 -13.39
C GLU A 154 9.60 -1.92 -12.07
N VAL A 155 8.42 -1.87 -11.48
CA VAL A 155 8.22 -1.17 -10.21
C VAL A 155 9.04 -1.78 -9.08
N SER A 156 9.14 -3.11 -9.06
CA SER A 156 9.91 -3.81 -8.04
C SER A 156 11.36 -3.36 -8.05
N ARG A 157 11.96 -3.33 -9.23
CA ARG A 157 13.36 -2.93 -9.37
C ARG A 157 13.54 -1.48 -8.98
N TYR A 158 12.62 -0.63 -9.42
CA TYR A 158 12.70 0.78 -9.10
C TYR A 158 12.74 0.95 -7.60
N THR A 159 11.86 0.23 -6.91
CA THR A 159 11.73 0.30 -5.47
C THR A 159 12.97 -0.13 -4.68
N CYS A 160 13.48 -1.31 -5.02
CA CYS A 160 14.65 -1.85 -4.33
C CYS A 160 15.89 -1.01 -4.71
N ASP A 161 15.84 -0.32 -5.85
CA ASP A 161 16.95 0.52 -6.29
C ASP A 161 17.03 1.75 -5.38
N LEU A 162 15.88 2.24 -4.93
CA LEU A 162 15.82 3.40 -4.03
C LEU A 162 16.49 3.04 -2.72
N ALA A 163 16.44 1.76 -2.36
CA ALA A 163 17.06 1.29 -1.14
C ALA A 163 18.55 1.64 -1.17
N GLN A 164 19.17 1.47 -2.34
CA GLN A 164 20.58 1.79 -2.50
C GLN A 164 20.87 3.23 -2.11
N ARG A 165 19.94 4.12 -2.44
CA ARG A 165 20.10 5.54 -2.16
C ARG A 165 19.84 5.91 -0.71
N GLY A 166 19.62 4.92 0.15
CA GLY A 166 19.40 5.23 1.55
C GLY A 166 17.98 5.16 2.07
N VAL A 167 17.02 4.79 1.23
CA VAL A 167 15.64 4.69 1.69
C VAL A 167 15.47 3.41 2.50
N THR A 168 14.88 3.53 3.69
CA THR A 168 14.66 2.37 4.55
C THR A 168 13.19 2.15 4.87
N LEU A 169 12.36 3.16 4.61
CA LEU A 169 10.92 3.05 4.87
C LEU A 169 10.12 3.50 3.67
N PHE A 170 9.23 2.64 3.20
CA PHE A 170 8.42 3.00 2.05
C PHE A 170 6.96 3.24 2.40
N GLY A 171 6.33 4.09 1.60
CA GLY A 171 4.93 4.40 1.77
C GLY A 171 4.36 4.20 0.38
N VAL A 172 3.17 3.63 0.29
CA VAL A 172 2.59 3.40 -1.02
C VAL A 172 1.29 4.18 -1.18
N GLY A 173 1.03 4.66 -2.39
CA GLY A 173 -0.18 5.43 -2.64
C GLY A 173 -0.59 5.39 -4.09
N GLU A 174 -1.75 5.95 -4.39
CA GLU A 174 -2.25 5.96 -5.77
C GLU A 174 -3.02 7.22 -6.11
N LEU A 175 -3.36 7.32 -7.40
CA LEU A 175 -4.12 8.44 -7.93
C LEU A 175 -4.74 7.94 -9.24
N GLY A 176 -6.06 7.85 -9.25
CA GLY A 176 -6.77 7.40 -10.44
C GLY A 176 -8.27 7.44 -10.24
N MET A 177 -8.93 8.32 -10.98
CA MET A 177 -10.38 8.47 -10.88
C MET A 177 -11.05 7.14 -11.22
N ALA A 178 -11.99 6.73 -10.37
CA ALA A 178 -12.73 5.48 -10.51
C ALA A 178 -12.01 4.23 -10.02
N ASN A 179 -10.81 4.39 -9.43
CA ASN A 179 -10.11 3.18 -8.99
C ASN A 179 -10.70 2.40 -7.80
N THR A 180 -11.69 2.96 -7.11
CA THR A 180 -12.27 2.20 -5.99
C THR A 180 -13.20 1.12 -6.55
N THR A 181 -13.46 1.17 -7.86
CA THR A 181 -14.28 0.15 -8.48
C THR A 181 -13.46 -1.13 -8.65
N PRO A 182 -12.33 -1.07 -9.39
CA PRO A 182 -11.56 -2.30 -9.52
C PRO A 182 -11.08 -2.79 -8.15
N ALA A 183 -10.79 -1.86 -7.25
CA ALA A 183 -10.34 -2.23 -5.91
C ALA A 183 -11.43 -3.06 -5.22
N ALA A 184 -12.68 -2.64 -5.35
CA ALA A 184 -13.79 -3.37 -4.73
C ALA A 184 -13.93 -4.74 -5.38
N ALA A 185 -13.78 -4.80 -6.70
CA ALA A 185 -13.88 -6.07 -7.41
C ALA A 185 -12.82 -7.04 -6.91
N MET A 186 -11.60 -6.55 -6.75
CA MET A 186 -10.49 -7.36 -6.27
C MET A 186 -10.76 -7.86 -4.84
N VAL A 187 -11.19 -6.96 -3.97
CA VAL A 187 -11.49 -7.32 -2.60
C VAL A 187 -12.58 -8.39 -2.58
N SER A 188 -13.59 -8.23 -3.42
CA SER A 188 -14.68 -9.19 -3.50
C SER A 188 -14.16 -10.57 -3.89
N VAL A 189 -13.32 -10.63 -4.92
CA VAL A 189 -12.75 -11.90 -5.41
C VAL A 189 -11.80 -12.56 -4.41
N PHE A 190 -10.88 -11.79 -3.85
CA PHE A 190 -9.94 -12.36 -2.90
C PHE A 190 -10.61 -12.75 -1.59
N THR A 191 -11.63 -11.99 -1.20
CA THR A 191 -12.32 -12.24 0.05
C THR A 191 -13.46 -13.24 -0.03
N GLY A 192 -14.18 -13.25 -1.15
CA GLY A 192 -15.30 -14.15 -1.29
C GLY A 192 -16.55 -13.42 -0.81
N SER A 193 -16.41 -12.12 -0.56
CA SER A 193 -17.55 -11.32 -0.12
C SER A 193 -18.37 -10.83 -1.31
N ASP A 194 -19.65 -10.59 -1.10
CA ASP A 194 -20.50 -10.11 -2.19
C ASP A 194 -20.14 -8.65 -2.48
N ALA A 195 -20.32 -8.24 -3.73
CA ALA A 195 -20.00 -6.87 -4.14
C ALA A 195 -20.67 -5.80 -3.27
N LYS A 196 -21.93 -6.03 -2.91
CA LYS A 196 -22.66 -5.07 -2.09
C LYS A 196 -21.96 -4.78 -0.76
N GLU A 197 -21.29 -5.78 -0.20
CA GLU A 197 -20.60 -5.61 1.07
C GLU A 197 -19.28 -4.85 0.99
N VAL A 198 -18.70 -4.78 -0.22
CA VAL A 198 -17.41 -4.11 -0.38
C VAL A 198 -17.41 -2.79 -1.15
N VAL A 199 -18.45 -2.54 -1.93
CA VAL A 199 -18.51 -1.30 -2.71
C VAL A 199 -18.84 -0.08 -1.85
N GLY A 200 -17.95 0.92 -1.88
CA GLY A 200 -18.16 2.14 -1.11
C GLY A 200 -18.48 3.33 -2.00
N ILE A 201 -18.53 4.54 -1.42
CA ILE A 201 -18.83 5.74 -2.19
C ILE A 201 -17.61 6.37 -2.87
N GLY A 202 -16.43 5.78 -2.68
CA GLY A 202 -15.23 6.32 -3.28
C GLY A 202 -15.10 7.81 -3.00
N ALA A 203 -14.89 8.61 -4.04
CA ALA A 203 -14.74 10.06 -3.86
C ALA A 203 -16.09 10.77 -3.94
N ASN A 204 -16.88 10.63 -2.89
CA ASN A 204 -18.19 11.25 -2.82
C ASN A 204 -19.17 10.86 -3.92
N LEU A 205 -19.32 9.56 -4.16
CA LEU A 205 -20.26 9.11 -5.18
C LEU A 205 -21.64 9.23 -4.53
N PRO A 206 -22.61 9.85 -5.22
CA PRO A 206 -23.95 10.00 -4.66
C PRO A 206 -24.55 8.65 -4.28
N PRO A 207 -25.26 8.62 -3.15
CA PRO A 207 -25.86 7.36 -2.68
C PRO A 207 -26.75 6.69 -3.73
N SER A 208 -27.39 7.48 -4.58
CA SER A 208 -28.27 6.94 -5.62
C SER A 208 -27.54 6.16 -6.70
N ARG A 209 -26.29 6.54 -6.97
CA ARG A 209 -25.49 5.89 -8.01
C ARG A 209 -24.74 4.65 -7.52
N ILE A 210 -24.85 4.36 -6.23
CA ILE A 210 -24.16 3.21 -5.66
C ILE A 210 -24.62 1.87 -6.26
N ASP A 211 -25.90 1.75 -6.57
CA ASP A 211 -26.44 0.52 -7.15
C ASP A 211 -25.78 0.20 -8.48
N ASN A 212 -25.56 1.22 -9.29
CA ASN A 212 -24.92 1.01 -10.58
C ASN A 212 -23.49 0.50 -10.38
N LYS A 213 -22.79 1.05 -9.40
CA LYS A 213 -21.42 0.66 -9.13
C LYS A 213 -21.35 -0.82 -8.74
N VAL A 214 -22.29 -1.29 -7.94
CA VAL A 214 -22.31 -2.69 -7.53
C VAL A 214 -22.51 -3.59 -8.75
N ASP A 215 -23.42 -3.20 -9.63
CA ASP A 215 -23.71 -3.96 -10.84
C ASP A 215 -22.45 -4.08 -11.71
N VAL A 216 -21.73 -2.97 -11.88
CA VAL A 216 -20.50 -2.95 -12.67
C VAL A 216 -19.48 -3.95 -12.10
N VAL A 217 -19.29 -3.93 -10.78
CA VAL A 217 -18.35 -4.84 -10.14
C VAL A 217 -18.74 -6.29 -10.42
N ARG A 218 -20.03 -6.60 -10.29
CA ARG A 218 -20.51 -7.95 -10.56
C ARG A 218 -20.21 -8.34 -11.99
N ARG A 219 -20.56 -7.46 -12.93
CA ARG A 219 -20.32 -7.71 -14.34
C ARG A 219 -18.85 -7.95 -14.64
N ALA A 220 -17.98 -7.14 -14.04
CA ALA A 220 -16.55 -7.26 -14.24
C ALA A 220 -16.07 -8.63 -13.82
N ILE A 221 -16.64 -9.13 -12.72
CA ILE A 221 -16.24 -10.44 -12.24
C ILE A 221 -16.81 -11.56 -13.10
N ALA A 222 -18.11 -11.48 -13.42
CA ALA A 222 -18.76 -12.51 -14.24
C ALA A 222 -18.10 -12.67 -15.61
N ILE A 223 -17.80 -11.54 -16.25
CA ILE A 223 -17.20 -11.57 -17.57
C ILE A 223 -15.75 -12.05 -17.60
N ASN A 224 -14.94 -11.58 -16.65
CA ASN A 224 -13.53 -11.95 -16.61
C ASN A 224 -13.21 -13.27 -15.91
N GLN A 225 -14.06 -13.66 -14.97
CA GLN A 225 -13.84 -14.91 -14.24
C GLN A 225 -12.42 -14.99 -13.72
N PRO A 226 -12.00 -14.00 -12.90
CA PRO A 226 -10.65 -14.00 -12.35
C PRO A 226 -10.44 -15.14 -11.37
N ASN A 227 -9.26 -15.76 -11.42
CA ASN A 227 -8.92 -16.88 -10.53
C ASN A 227 -8.39 -16.32 -9.21
N PRO A 228 -9.21 -16.40 -8.15
CA PRO A 228 -8.84 -15.90 -6.82
C PRO A 228 -7.57 -16.51 -6.22
N ARG A 229 -7.14 -17.64 -6.76
CA ARG A 229 -5.94 -18.27 -6.27
C ARG A 229 -4.72 -17.78 -7.06
N ASP A 230 -4.96 -16.91 -8.03
CA ASP A 230 -3.89 -16.35 -8.86
C ASP A 230 -3.95 -14.82 -8.76
N GLY A 231 -3.10 -14.25 -7.90
CA GLY A 231 -3.08 -12.81 -7.73
C GLY A 231 -2.82 -11.99 -8.96
N ILE A 232 -1.90 -12.46 -9.80
CA ILE A 232 -1.58 -11.76 -11.04
C ILE A 232 -2.77 -11.83 -11.98
N ASP A 233 -3.44 -12.98 -12.00
CA ASP A 233 -4.62 -13.15 -12.85
C ASP A 233 -5.70 -12.15 -12.45
N VAL A 234 -5.91 -12.01 -11.15
CA VAL A 234 -6.92 -11.08 -10.66
C VAL A 234 -6.57 -9.64 -11.00
N LEU A 235 -5.32 -9.25 -10.75
CA LEU A 235 -4.85 -7.90 -11.04
C LEU A 235 -5.02 -7.53 -12.52
N SER A 236 -4.60 -8.41 -13.41
CA SER A 236 -4.68 -8.13 -14.85
C SER A 236 -6.11 -8.06 -15.38
N LYS A 237 -7.00 -8.85 -14.78
CA LYS A 237 -8.39 -8.86 -15.23
C LYS A 237 -9.29 -7.78 -14.67
N VAL A 238 -9.39 -7.71 -13.34
CA VAL A 238 -10.24 -6.73 -12.69
C VAL A 238 -9.50 -5.66 -11.88
N GLY A 239 -8.19 -5.56 -12.10
CA GLY A 239 -7.41 -4.57 -11.40
C GLY A 239 -7.19 -3.31 -12.22
N GLY A 240 -5.98 -2.73 -12.11
CA GLY A 240 -5.61 -1.54 -12.85
C GLY A 240 -4.10 -1.36 -12.81
N PHE A 241 -3.57 -0.43 -13.60
CA PHE A 241 -2.12 -0.17 -13.67
C PHE A 241 -1.63 0.37 -12.32
N ASP A 242 -2.39 1.30 -11.76
CA ASP A 242 -2.03 1.87 -10.47
C ASP A 242 -2.04 0.79 -9.38
N LEU A 243 -3.05 -0.08 -9.40
CA LEU A 243 -3.13 -1.17 -8.41
C LEU A 243 -1.97 -2.15 -8.57
N VAL A 244 -1.60 -2.41 -9.82
CA VAL A 244 -0.49 -3.31 -10.12
C VAL A 244 0.79 -2.67 -9.58
N GLY A 245 0.95 -1.38 -9.82
CA GLY A 245 2.13 -0.68 -9.34
C GLY A 245 2.30 -0.76 -7.84
N MET A 246 1.20 -0.57 -7.10
CA MET A 246 1.24 -0.64 -5.63
C MET A 246 1.69 -2.03 -5.18
N THR A 247 1.21 -3.05 -5.87
CA THR A 247 1.58 -4.43 -5.57
C THR A 247 3.10 -4.58 -5.79
N GLY A 248 3.58 -4.02 -6.91
CA GLY A 248 4.99 -4.08 -7.23
C GLY A 248 5.88 -3.42 -6.18
N VAL A 249 5.42 -2.31 -5.62
CA VAL A 249 6.20 -1.65 -4.58
C VAL A 249 6.37 -2.59 -3.38
N MET A 250 5.28 -3.27 -3.01
CA MET A 250 5.29 -4.21 -1.89
C MET A 250 6.22 -5.38 -2.12
N LEU A 251 6.24 -5.91 -3.34
CA LEU A 251 7.11 -7.03 -3.67
C LEU A 251 8.56 -6.56 -3.69
N GLY A 252 8.78 -5.36 -4.21
CA GLY A 252 10.13 -4.82 -4.26
C GLY A 252 10.72 -4.56 -2.89
N ALA A 253 9.93 -3.97 -2.00
CA ALA A 253 10.43 -3.70 -0.66
C ALA A 253 10.69 -5.01 0.09
N ALA A 254 9.77 -5.95 -0.05
CA ALA A 254 9.93 -7.24 0.60
C ALA A 254 11.23 -7.90 0.12
N ARG A 255 11.44 -7.94 -1.19
CA ARG A 255 12.65 -8.52 -1.75
C ARG A 255 13.86 -7.78 -1.20
N CYS A 256 13.70 -6.48 -1.00
CA CYS A 256 14.77 -5.65 -0.47
C CYS A 256 14.86 -5.79 1.04
N GLY A 257 13.94 -6.58 1.61
CA GLY A 257 13.92 -6.81 3.05
C GLY A 257 13.62 -5.56 3.86
N LEU A 258 12.82 -4.66 3.28
CA LEU A 258 12.47 -3.41 3.93
C LEU A 258 10.96 -3.27 4.19
N PRO A 259 10.58 -2.41 5.16
CA PRO A 259 9.18 -2.19 5.54
C PRO A 259 8.42 -1.29 4.57
N VAL A 260 7.13 -1.58 4.43
CA VAL A 260 6.25 -0.82 3.56
C VAL A 260 5.01 -0.42 4.34
N LEU A 261 4.68 0.87 4.30
CA LEU A 261 3.49 1.35 4.99
C LEU A 261 2.31 1.39 4.02
N LEU A 262 1.26 0.64 4.33
CA LEU A 262 0.07 0.65 3.49
C LEU A 262 -0.62 1.99 3.69
N ASP A 263 -1.60 2.31 2.84
CA ASP A 263 -2.36 3.56 2.96
C ASP A 263 -3.83 3.21 3.23
N GLY A 264 -4.69 3.44 2.23
CA GLY A 264 -6.10 3.17 2.40
C GLY A 264 -6.68 1.97 1.67
N PHE A 265 -7.99 2.04 1.38
CA PHE A 265 -8.70 0.96 0.70
C PHE A 265 -8.00 0.41 -0.54
N LEU A 266 -7.52 1.31 -1.40
CA LEU A 266 -6.83 0.90 -2.61
C LEU A 266 -5.59 0.07 -2.28
N SER A 267 -4.85 0.49 -1.27
CA SER A 267 -3.64 -0.24 -0.90
C SER A 267 -3.99 -1.62 -0.34
N TYR A 268 -5.13 -1.73 0.33
CA TYR A 268 -5.57 -3.00 0.89
C TYR A 268 -5.74 -4.04 -0.21
N SER A 269 -6.42 -3.65 -1.30
CA SER A 269 -6.63 -4.61 -2.38
C SER A 269 -5.29 -5.02 -2.97
N ALA A 270 -4.38 -4.07 -3.13
CA ALA A 270 -3.06 -4.37 -3.68
C ALA A 270 -2.30 -5.29 -2.72
N ALA A 271 -2.52 -5.10 -1.42
CA ALA A 271 -1.86 -5.93 -0.42
C ALA A 271 -2.39 -7.36 -0.46
N LEU A 272 -3.70 -7.51 -0.68
CA LEU A 272 -4.30 -8.84 -0.76
C LEU A 272 -3.66 -9.58 -1.94
N ALA A 273 -3.56 -8.90 -3.08
CA ALA A 273 -2.97 -9.49 -4.28
C ALA A 273 -1.52 -9.89 -4.02
N ALA A 274 -0.76 -8.99 -3.40
CA ALA A 274 0.65 -9.23 -3.10
C ALA A 274 0.84 -10.45 -2.20
N CYS A 275 0.04 -10.52 -1.14
CA CYS A 275 0.14 -11.63 -0.22
C CYS A 275 -0.31 -12.94 -0.85
N GLN A 276 -1.14 -12.83 -1.88
CA GLN A 276 -1.62 -14.00 -2.58
C GLN A 276 -0.53 -14.50 -3.51
N ILE A 277 0.18 -13.56 -4.13
CA ILE A 277 1.25 -13.89 -5.06
C ILE A 277 2.45 -14.43 -4.30
N ALA A 278 2.79 -13.76 -3.18
CA ALA A 278 3.93 -14.18 -2.38
C ALA A 278 3.64 -13.93 -0.90
N PRO A 279 3.30 -14.98 -0.15
CA PRO A 279 2.99 -14.88 1.27
C PRO A 279 4.15 -14.29 2.08
N ALA A 280 5.36 -14.52 1.60
CA ALA A 280 6.55 -14.03 2.27
C ALA A 280 6.55 -12.50 2.38
N VAL A 281 5.65 -11.85 1.66
CA VAL A 281 5.57 -10.39 1.68
C VAL A 281 4.92 -9.85 2.96
N ARG A 282 3.94 -10.59 3.49
CA ARG A 282 3.20 -10.20 4.68
C ARG A 282 3.98 -9.59 5.86
N PRO A 283 5.11 -10.20 6.26
CA PRO A 283 5.94 -9.71 7.37
C PRO A 283 6.48 -8.29 7.20
N TYR A 284 6.51 -7.80 5.96
CA TYR A 284 7.03 -6.47 5.67
C TYR A 284 5.97 -5.38 5.60
N LEU A 285 4.70 -5.79 5.61
CA LEU A 285 3.59 -4.86 5.54
C LEU A 285 3.25 -4.22 6.89
N ILE A 286 3.09 -2.91 6.89
CA ILE A 286 2.74 -2.17 8.09
C ILE A 286 1.51 -1.34 7.80
N PRO A 287 0.43 -1.54 8.57
CA PRO A 287 -0.81 -0.77 8.36
C PRO A 287 -0.64 0.67 8.85
N SER A 288 -1.40 1.60 8.26
CA SER A 288 -1.32 2.97 8.71
C SER A 288 -2.65 3.37 9.36
N HIS A 289 -3.65 3.71 8.55
CA HIS A 289 -4.94 4.11 9.08
C HIS A 289 -6.07 3.19 8.64
N PHE A 290 -7.26 3.43 9.18
CA PHE A 290 -8.44 2.65 8.88
C PHE A 290 -9.34 3.46 7.95
N SER A 291 -9.28 3.14 6.66
CA SER A 291 -10.07 3.82 5.63
C SER A 291 -11.58 3.87 5.87
N ALA A 292 -12.20 5.01 5.55
CA ALA A 292 -13.64 5.18 5.73
C ALA A 292 -14.43 4.47 4.63
N GLU A 293 -13.74 3.85 3.69
CA GLU A 293 -14.42 3.14 2.61
C GLU A 293 -15.16 1.93 3.21
N LYS A 294 -16.36 1.66 2.73
CA LYS A 294 -17.19 0.57 3.23
C LYS A 294 -16.49 -0.80 3.34
N GLY A 295 -15.81 -1.21 2.28
CA GLY A 295 -15.15 -2.50 2.29
C GLY A 295 -13.82 -2.59 3.02
N ALA A 296 -13.51 -1.58 3.84
CA ALA A 296 -12.24 -1.58 4.57
C ALA A 296 -12.11 -2.64 5.67
N ARG A 297 -13.16 -2.79 6.49
CA ARG A 297 -13.14 -3.77 7.55
C ARG A 297 -12.88 -5.18 7.02
N ILE A 298 -13.60 -5.56 5.98
CA ILE A 298 -13.44 -6.88 5.38
C ILE A 298 -12.05 -7.11 4.81
N ALA A 299 -11.55 -6.13 4.06
CA ALA A 299 -10.21 -6.23 3.48
C ALA A 299 -9.15 -6.36 4.57
N LEU A 300 -9.27 -5.57 5.63
CA LEU A 300 -8.30 -5.60 6.73
C LEU A 300 -8.36 -6.92 7.51
N ALA A 301 -9.56 -7.50 7.59
CA ALA A 301 -9.75 -8.76 8.30
C ALA A 301 -9.00 -9.89 7.59
N HIS A 302 -9.11 -9.95 6.27
CA HIS A 302 -8.45 -11.02 5.52
C HIS A 302 -6.95 -10.80 5.48
N LEU A 303 -6.53 -9.56 5.72
CA LEU A 303 -5.10 -9.22 5.74
C LEU A 303 -4.66 -9.43 7.16
N SER A 304 -5.63 -9.59 8.05
CA SER A 304 -5.37 -9.78 9.47
C SER A 304 -4.55 -8.61 10.02
N MET A 305 -4.97 -7.39 9.71
CA MET A 305 -4.27 -6.19 10.19
C MET A 305 -5.16 -5.25 10.98
N GLU A 306 -4.56 -4.54 11.92
CA GLU A 306 -5.28 -3.58 12.73
C GLU A 306 -4.57 -2.24 12.61
N PRO A 307 -5.13 -1.31 11.82
CA PRO A 307 -4.51 0.01 11.64
C PRO A 307 -4.24 0.72 12.97
N TYR A 308 -3.26 1.61 12.97
CA TYR A 308 -2.93 2.37 14.18
C TYR A 308 -3.77 3.64 14.27
N LEU A 309 -4.09 4.20 13.12
CA LEU A 309 -4.85 5.45 13.05
C LEU A 309 -6.29 5.33 12.57
N HIS A 310 -7.19 5.98 13.31
CA HIS A 310 -8.61 6.01 12.95
C HIS A 310 -8.95 7.48 12.70
N MET A 311 -8.75 7.92 11.47
CA MET A 311 -8.99 9.31 11.10
C MET A 311 -10.16 9.48 10.14
N ALA A 312 -10.80 8.38 9.77
CA ALA A 312 -11.94 8.40 8.84
C ALA A 312 -11.48 9.02 7.52
N MET A 313 -10.23 8.80 7.17
CA MET A 313 -9.68 9.35 5.95
C MET A 313 -10.01 8.48 4.74
N ARG A 314 -10.16 9.14 3.59
CA ARG A 314 -10.49 8.47 2.34
C ARG A 314 -10.01 9.29 1.15
N LEU A 315 -8.84 9.91 1.28
CA LEU A 315 -8.29 10.73 0.20
C LEU A 315 -7.43 9.91 -0.77
N GLY A 316 -6.69 8.95 -0.22
CA GLY A 316 -5.79 8.16 -1.04
C GLY A 316 -4.47 8.89 -1.13
N GLU A 317 -3.78 8.77 -2.27
CA GLU A 317 -2.50 9.44 -2.53
C GLU A 317 -1.34 8.94 -1.68
N GLY A 318 -1.66 8.22 -0.61
CA GLY A 318 -0.63 7.73 0.28
C GLY A 318 -0.59 8.67 1.47
N SER A 319 -1.62 9.50 1.60
CA SER A 319 -1.68 10.46 2.69
C SER A 319 -1.68 9.81 4.08
N GLY A 320 -2.34 8.65 4.22
CA GLY A 320 -2.35 7.97 5.50
C GLY A 320 -0.99 7.38 5.81
N ALA A 321 -0.33 6.84 4.79
CA ALA A 321 0.99 6.25 4.94
C ALA A 321 1.98 7.27 5.51
N ALA A 322 1.93 8.48 4.97
CA ALA A 322 2.78 9.58 5.39
C ALA A 322 2.47 10.02 6.81
N LEU A 323 1.19 9.98 7.15
CA LEU A 323 0.75 10.37 8.47
C LEU A 323 1.23 9.39 9.55
N ALA A 324 1.48 8.15 9.16
CA ALA A 324 1.93 7.14 10.12
C ALA A 324 3.45 6.99 10.24
N MET A 325 4.19 7.61 9.33
CA MET A 325 5.64 7.49 9.38
C MET A 325 6.22 7.93 10.74
N PRO A 326 5.66 8.98 11.38
CA PRO A 326 6.17 9.42 12.69
C PRO A 326 6.03 8.30 13.73
N ILE A 327 4.99 7.50 13.57
CA ILE A 327 4.77 6.38 14.48
C ILE A 327 5.90 5.38 14.37
N VAL A 328 6.29 5.04 13.14
CA VAL A 328 7.38 4.10 12.93
C VAL A 328 8.65 4.66 13.56
N GLU A 329 8.90 5.95 13.38
CA GLU A 329 10.09 6.55 13.97
C GLU A 329 10.01 6.58 15.50
N ALA A 330 8.80 6.65 16.05
CA ALA A 330 8.64 6.67 17.51
C ALA A 330 9.05 5.33 18.11
N ALA A 331 8.77 4.24 17.41
CA ALA A 331 9.13 2.93 17.90
C ALA A 331 10.65 2.81 17.95
N CYS A 332 11.31 3.42 16.98
CA CYS A 332 12.77 3.37 16.94
C CYS A 332 13.36 4.21 18.06
N ALA A 333 12.79 5.41 18.28
CA ALA A 333 13.24 6.30 19.32
C ALA A 333 13.11 5.63 20.69
N MET A 334 11.97 4.98 20.91
CA MET A 334 11.73 4.27 22.15
C MET A 334 12.83 3.25 22.38
N PHE A 335 13.07 2.44 21.35
CA PHE A 335 14.07 1.38 21.39
C PHE A 335 15.49 1.86 21.64
N HIS A 336 15.87 2.96 21.00
CA HIS A 336 17.24 3.46 21.14
C HIS A 336 17.49 4.49 22.23
N ASN A 337 16.52 5.34 22.51
CA ASN A 337 16.73 6.40 23.49
C ASN A 337 16.25 6.18 24.92
N MET A 338 15.39 5.20 25.17
CA MET A 338 14.93 4.98 26.53
C MET A 338 15.98 4.38 27.44
N GLY A 339 15.87 4.69 28.73
CA GLY A 339 16.80 4.18 29.72
C GLY A 339 16.39 2.77 30.11
N GLU A 340 17.18 2.13 30.97
CA GLU A 340 16.91 0.75 31.41
C GLU A 340 16.65 0.60 32.90
N LEU A 341 15.73 -0.29 33.23
CA LEU A 341 15.34 -0.57 34.61
C LEU A 341 16.54 -0.86 35.52
N ALA A 342 17.41 -1.76 35.07
CA ALA A 342 18.59 -2.13 35.84
C ALA A 342 19.44 -0.94 36.24
N ALA A 343 19.57 0.03 35.33
CA ALA A 343 20.37 1.21 35.59
C ALA A 343 19.79 2.08 36.71
N SER A 344 18.50 1.93 36.98
CA SER A 344 17.85 2.72 38.03
C SER A 344 17.57 1.87 39.26
N ASN A 345 18.09 0.65 39.25
CA ASN A 345 17.91 -0.26 40.38
C ASN A 345 16.43 -0.54 40.62
N ILE A 346 15.65 -0.63 39.55
CA ILE A 346 14.23 -0.91 39.70
C ILE A 346 14.00 -2.38 39.39
N VAL A 347 13.40 -3.09 40.35
CA VAL A 347 13.10 -4.50 40.20
C VAL A 347 11.60 -4.75 40.26
N LEU A 348 11.07 -5.36 39.20
CA LEU A 348 9.63 -5.65 39.14
C LEU A 348 9.42 -7.16 39.11
N PRO A 349 8.32 -7.63 39.72
CA PRO A 349 7.97 -9.06 39.76
C PRO A 349 7.99 -9.73 38.39
#